data_3H2C
#
_entry.id   3H2C
#
_cell.length_a   97.667
_cell.length_b   97.667
_cell.length_c   263.574
_cell.angle_alpha   90.00
_cell.angle_beta   90.00
_cell.angle_gamma   120.00
#
_symmetry.space_group_name_H-M   'P 62 2 2'
#
loop_
_entity.id
_entity.type
_entity.pdbx_description
1 polymer 'Dihydropteroate synthase'
2 non-polymer 1H-imidazo[4,5-d]pyridazine-4,7-diamine
3 non-polymer 'SULFATE ION'
4 water water
#
_entity_poly.entity_id   1
_entity_poly.type   'polypeptide(L)'
_entity_poly.pdbx_seq_one_letter_code
;MGSSHHHHHHSSGLVPRGSHMKWDYDLRCGEYTLNLNEKTLIMGILNVTPDSFSDGGSYNEVDAAVRHAKEMRDEGAHII
DIGGESTRPGFAKVSVEEEIKRVVPMIQAVSKEVKLPISIDTYKAEVAKQAIEAGAHIINDIWGAKAEPKIAEVAAHYDV
PIILMHNRDNMNYRNLMADMIADLYDSIKIAKDAGVRDENIILDPGIGFAKTPEQNLEAMRNLEQLNVLGYPVLLGTSRK
SFIGHVLDLPVEERLEGTGATVCLGIEKGCEFVRVHDVKEMSRMAKMMDAMIGKGVK
;
_entity_poly.pdbx_strand_id   A,B
#
# COMPACT_ATOMS: atom_id res chain seq x y z
N LYS A 22 29.68 25.72 -17.30
CA LYS A 22 29.04 24.46 -17.92
C LYS A 22 29.78 23.26 -17.35
N TRP A 23 29.07 22.16 -17.16
CA TRP A 23 29.70 20.90 -16.88
C TRP A 23 29.67 20.33 -18.24
N ASP A 24 30.49 19.32 -18.47
CA ASP A 24 30.57 18.70 -19.81
C ASP A 24 30.27 17.25 -19.65
N TYR A 25 29.82 16.90 -18.46
CA TYR A 25 29.34 15.58 -18.25
C TYR A 25 27.97 15.59 -17.60
N ASP A 26 27.41 14.40 -17.51
CA ASP A 26 26.04 14.19 -17.05
C ASP A 26 26.03 13.34 -15.81
N LEU A 27 25.05 13.54 -14.95
CA LEU A 27 24.99 12.67 -13.83
C LEU A 27 24.19 11.47 -14.27
N ARG A 28 24.88 10.40 -14.64
CA ARG A 28 24.24 9.14 -15.02
C ARG A 28 23.89 8.32 -13.78
N CYS A 29 22.68 7.71 -13.80
CA CYS A 29 22.06 7.03 -12.64
C CYS A 29 21.21 5.92 -13.15
N GLY A 30 21.90 4.83 -13.49
CA GLY A 30 21.29 3.70 -14.18
C GLY A 30 20.30 4.24 -15.20
N GLU A 31 19.02 3.99 -14.97
CA GLU A 31 17.98 4.40 -15.89
C GLU A 31 17.81 5.90 -16.11
N TYR A 32 18.24 6.74 -15.17
CA TYR A 32 17.99 8.18 -15.28
C TYR A 32 19.30 8.98 -15.48
N THR A 33 19.16 10.20 -16.01
CA THR A 33 20.29 11.07 -16.33
C THR A 33 19.89 12.48 -15.90
N LEU A 34 20.77 13.12 -15.14
CA LEU A 34 20.48 14.44 -14.69
C LEU A 34 21.48 15.36 -15.32
N ASN A 35 21.11 16.04 -16.42
CA ASN A 35 21.87 17.16 -16.98
C ASN A 35 22.09 18.15 -15.88
N LEU A 36 23.23 18.84 -15.84
CA LEU A 36 23.50 19.71 -14.68
C LEU A 36 23.58 21.16 -15.06
N ASN A 37 23.11 21.54 -16.26
CA ASN A 37 23.26 22.91 -16.72
C ASN A 37 21.91 23.54 -16.82
N GLU A 38 20.96 22.73 -17.28
CA GLU A 38 19.62 23.21 -17.51
C GLU A 38 19.00 23.81 -16.23
N LYS A 39 19.05 23.13 -15.11
CA LYS A 39 18.44 23.76 -13.93
C LYS A 39 18.97 23.24 -12.65
N THR A 40 18.76 23.96 -11.55
CA THR A 40 19.09 23.40 -10.25
C THR A 40 18.13 22.27 -9.87
N LEU A 41 18.70 21.04 -9.80
CA LEU A 41 18.16 19.82 -9.35
C LEU A 41 17.68 19.72 -7.92
N ILE A 42 16.42 19.31 -7.67
CA ILE A 42 15.89 19.37 -6.28
C ILE A 42 15.85 18.01 -5.67
N MET A 43 16.29 17.87 -4.42
CA MET A 43 16.26 16.55 -3.76
C MET A 43 15.22 16.52 -2.69
N GLY A 44 14.19 15.67 -2.79
CA GLY A 44 13.07 15.76 -1.77
C GLY A 44 13.39 14.84 -0.63
N ILE A 45 13.43 15.35 0.61
CA ILE A 45 13.67 14.47 1.78
C ILE A 45 12.47 13.57 2.13
N LEU A 46 12.72 12.29 2.41
CA LEU A 46 11.63 11.41 2.74
C LEU A 46 11.48 11.05 4.22
N ASN A 47 10.23 11.27 4.68
CA ASN A 47 9.82 11.28 6.09
C ASN A 47 9.30 9.88 6.46
N GLY A 57 9.11 -3.19 7.61
CA GLY A 57 8.54 -3.08 6.27
C GLY A 57 7.05 -3.37 6.18
N SER A 58 6.25 -2.82 7.11
CA SER A 58 4.78 -3.06 7.18
C SER A 58 4.07 -2.43 5.98
N TYR A 59 2.75 -2.44 5.96
CA TYR A 59 2.04 -1.75 4.88
C TYR A 59 1.89 -0.24 5.10
N ASN A 60 1.70 0.22 6.36
CA ASN A 60 1.42 1.65 6.59
C ASN A 60 2.60 2.54 6.25
N GLU A 61 3.79 2.15 6.67
CA GLU A 61 4.90 3.04 6.37
C GLU A 61 5.21 3.03 4.87
N VAL A 62 5.27 1.83 4.26
CA VAL A 62 5.67 1.79 2.88
C VAL A 62 4.63 2.47 2.01
N ASP A 63 3.56 2.97 2.60
CA ASP A 63 2.43 3.46 1.81
C ASP A 63 2.24 4.94 2.00
N ALA A 64 2.66 5.41 3.24
CA ALA A 64 2.78 6.83 3.45
C ALA A 64 4.00 7.34 2.69
N ALA A 65 4.98 6.48 2.54
CA ALA A 65 6.16 6.87 1.80
C ALA A 65 5.95 6.91 0.27
N VAL A 66 5.22 5.93 -0.32
CA VAL A 66 4.98 5.95 -1.78
C VAL A 66 4.07 7.14 -2.07
N ARG A 67 3.13 7.41 -1.16
CA ARG A 67 2.21 8.54 -1.35
C ARG A 67 3.01 9.83 -1.39
N HIS A 68 4.04 9.88 -0.59
CA HIS A 68 4.71 11.13 -0.30
C HIS A 68 5.81 11.35 -1.31
N ALA A 69 6.38 10.26 -1.76
CA ALA A 69 7.30 10.31 -2.85
C ALA A 69 6.57 10.79 -4.07
N LYS A 70 5.35 10.31 -4.26
CA LYS A 70 4.55 10.68 -5.42
C LYS A 70 4.26 12.16 -5.33
N GLU A 71 4.12 12.65 -4.12
CA GLU A 71 3.57 13.97 -4.01
C GLU A 71 4.70 14.89 -4.40
N MET A 72 5.92 14.41 -4.23
CA MET A 72 7.09 15.22 -4.43
C MET A 72 7.45 15.20 -5.88
N ARG A 73 7.15 14.10 -6.55
CA ARG A 73 7.40 14.04 -7.98
C ARG A 73 6.47 15.04 -8.59
N ASP A 74 5.25 15.08 -8.08
CA ASP A 74 4.19 15.97 -8.55
C ASP A 74 4.47 17.47 -8.41
N GLU A 75 5.33 17.85 -7.51
CA GLU A 75 5.46 19.26 -7.32
C GLU A 75 6.88 19.79 -7.44
N GLY A 76 7.72 19.04 -8.14
CA GLY A 76 9.00 19.53 -8.58
C GLY A 76 10.31 18.75 -8.37
N ALA A 77 10.26 17.67 -7.58
CA ALA A 77 11.51 17.00 -7.20
C ALA A 77 12.17 16.28 -8.36
N HIS A 78 13.46 16.03 -8.25
CA HIS A 78 14.22 15.59 -9.34
C HIS A 78 14.87 14.29 -8.92
N ILE A 79 14.83 14.06 -7.61
CA ILE A 79 15.40 12.88 -6.96
C ILE A 79 14.71 12.69 -5.62
N ILE A 80 14.50 11.45 -5.19
CA ILE A 80 14.00 11.17 -3.86
C ILE A 80 15.12 10.62 -3.00
N ASP A 81 15.28 11.21 -1.81
CA ASP A 81 16.21 10.82 -0.75
C ASP A 81 15.57 10.06 0.43
N ILE A 82 15.86 8.76 0.48
CA ILE A 82 15.30 7.90 1.50
C ILE A 82 16.35 7.60 2.54
N GLY A 83 16.09 8.08 3.76
CA GLY A 83 17.09 8.07 4.81
C GLY A 83 16.80 6.98 5.80
N GLU A 85 17.60 6.50 8.90
CA GLU A 85 17.53 7.04 10.26
C GLU A 85 17.62 8.59 10.45
N SER A 86 16.62 9.08 11.22
CA SER A 86 16.31 10.51 11.47
C SER A 86 17.43 11.45 11.93
N THR A 87 18.50 10.88 12.52
CA THR A 87 19.70 11.67 12.82
C THR A 87 19.43 13.07 13.48
N ARG A 88 18.64 13.12 14.57
CA ARG A 88 18.27 14.39 15.25
C ARG A 88 17.55 14.10 16.55
N SER A 95 20.99 0.19 15.27
CA SER A 95 21.58 -1.10 14.87
C SER A 95 21.56 -1.28 13.36
N VAL A 96 22.47 -2.11 12.85
CA VAL A 96 22.70 -2.20 11.41
C VAL A 96 21.58 -2.97 10.77
N GLU A 97 21.31 -4.16 11.30
CA GLU A 97 20.31 -5.08 10.74
C GLU A 97 18.94 -4.46 10.47
N GLU A 98 18.64 -3.39 11.22
CA GLU A 98 17.36 -2.68 11.16
C GLU A 98 17.30 -1.79 9.96
N GLU A 99 18.29 -0.88 9.84
CA GLU A 99 18.38 0.01 8.69
C GLU A 99 18.01 -0.72 7.39
N ILE A 100 18.60 -1.89 7.15
CA ILE A 100 18.25 -2.70 5.97
C ILE A 100 16.74 -2.92 5.98
N LYS A 101 16.27 -3.70 6.95
CA LYS A 101 14.83 -3.91 7.17
C LYS A 101 13.89 -2.66 7.07
N ARG A 102 14.23 -1.54 7.74
CA ARG A 102 13.49 -0.25 7.56
C ARG A 102 13.46 0.17 6.09
N VAL A 103 14.63 0.24 5.47
CA VAL A 103 14.87 1.00 4.27
C VAL A 103 14.78 0.23 2.94
N VAL A 104 15.12 -1.05 2.94
CA VAL A 104 15.03 -1.85 1.70
C VAL A 104 13.60 -1.84 1.07
N PRO A 105 12.57 -2.24 1.86
CA PRO A 105 11.16 -2.06 1.51
C PRO A 105 10.78 -0.66 0.97
N MET A 106 11.18 0.38 1.67
CA MET A 106 10.93 1.72 1.15
C MET A 106 11.36 1.86 -0.31
N ILE A 107 12.55 1.36 -0.63
CA ILE A 107 13.12 1.61 -1.94
C ILE A 107 12.42 0.79 -3.03
N GLN A 108 12.31 -0.51 -2.78
CA GLN A 108 11.57 -1.42 -3.66
C GLN A 108 10.28 -0.82 -4.18
N ALA A 109 9.53 -0.15 -3.27
CA ALA A 109 8.22 0.31 -3.62
C ALA A 109 8.23 1.58 -4.47
N VAL A 110 8.79 2.63 -3.92
CA VAL A 110 9.00 3.92 -4.60
C VAL A 110 9.76 3.90 -5.93
N SER A 111 10.69 2.98 -6.11
CA SER A 111 11.42 2.97 -7.36
C SER A 111 10.52 2.36 -8.42
N LYS A 112 9.77 1.34 -8.00
CA LYS A 112 8.80 0.63 -8.80
C LYS A 112 7.60 1.53 -9.08
N GLU A 113 7.35 2.51 -8.19
CA GLU A 113 6.17 3.39 -8.35
C GLU A 113 6.33 4.83 -8.75
N VAL A 114 7.36 5.54 -8.24
CA VAL A 114 7.76 6.86 -8.73
C VAL A 114 9.00 6.74 -9.64
N LYS A 115 8.84 7.10 -10.91
CA LYS A 115 9.96 6.99 -11.89
C LYS A 115 10.90 8.19 -11.79
N LEU A 116 11.80 8.12 -10.79
CA LEU A 116 12.84 9.11 -10.49
C LEU A 116 13.98 8.37 -9.85
N PRO A 117 15.21 8.94 -9.91
CA PRO A 117 16.34 8.28 -9.27
C PRO A 117 16.28 8.49 -7.73
N ILE A 118 16.62 7.42 -7.02
CA ILE A 118 16.49 7.41 -5.59
C ILE A 118 17.90 7.49 -4.97
N SER A 119 18.12 8.37 -4.01
CA SER A 119 19.36 8.36 -3.23
C SER A 119 19.15 7.80 -1.83
N ILE A 120 20.11 6.99 -1.36
CA ILE A 120 20.02 6.36 -0.04
C ILE A 120 20.93 7.12 0.90
N ASP A 121 20.38 7.52 2.03
CA ASP A 121 21.05 8.39 2.99
C ASP A 121 21.57 7.54 4.15
N THR A 122 22.75 6.97 4.00
CA THR A 122 23.30 6.15 5.04
C THR A 122 24.73 6.57 5.18
N TYR A 123 25.46 5.95 6.11
CA TYR A 123 26.91 6.11 6.19
C TYR A 123 27.54 4.75 6.43
N LYS A 124 26.69 3.72 6.55
CA LYS A 124 27.10 2.30 6.67
C LYS A 124 27.24 1.70 5.30
N ALA A 125 28.26 0.85 5.15
CA ALA A 125 28.59 0.27 3.87
C ALA A 125 27.55 -0.78 3.58
N GLU A 126 27.48 -1.82 4.42
CA GLU A 126 26.53 -2.91 4.15
C GLU A 126 25.09 -2.46 3.90
N VAL A 127 24.76 -1.27 4.42
CA VAL A 127 23.41 -0.75 4.23
C VAL A 127 23.33 -0.33 2.78
N ALA A 128 24.25 0.55 2.41
CA ALA A 128 24.31 1.10 1.06
C ALA A 128 24.34 -0.07 0.05
N LYS A 129 25.17 -1.07 0.37
CA LYS A 129 25.24 -2.30 -0.38
C LYS A 129 23.80 -2.72 -0.73
N GLN A 130 23.03 -3.15 0.29
CA GLN A 130 21.65 -3.58 0.11
C GLN A 130 20.74 -2.63 -0.67
N ALA A 131 20.85 -1.33 -0.44
CA ALA A 131 19.98 -0.32 -1.07
C ALA A 131 20.08 -0.15 -2.59
N ILE A 132 21.30 -0.08 -3.12
CA ILE A 132 21.45 -0.08 -4.58
C ILE A 132 20.99 -1.41 -5.06
N GLU A 133 21.37 -2.40 -4.28
CA GLU A 133 21.00 -3.75 -4.48
C GLU A 133 19.46 -3.83 -4.52
N ALA A 134 18.79 -3.04 -3.69
CA ALA A 134 17.35 -3.04 -3.70
C ALA A 134 16.79 -2.11 -4.76
N GLY A 135 17.62 -1.18 -5.28
CA GLY A 135 17.16 -0.28 -6.33
C GLY A 135 17.60 1.16 -6.34
N ALA A 136 18.28 1.63 -5.30
CA ALA A 136 18.54 3.07 -5.17
C ALA A 136 19.82 3.53 -5.93
N HIS A 137 19.84 4.76 -6.51
CA HIS A 137 20.85 5.05 -7.57
C HIS A 137 22.05 5.95 -7.22
N ILE A 138 21.93 6.71 -6.14
CA ILE A 138 22.89 7.67 -5.73
C ILE A 138 23.19 7.40 -4.28
N ILE A 139 24.43 7.54 -3.86
CA ILE A 139 24.62 7.46 -2.45
C ILE A 139 24.74 8.84 -1.86
N ASN A 140 24.58 8.87 -0.54
CA ASN A 140 24.43 10.09 0.13
C ASN A 140 24.94 9.93 1.56
N ASP A 141 26.21 10.30 1.81
CA ASP A 141 26.83 9.89 3.06
C ASP A 141 27.23 11.02 3.99
N ILE A 142 26.60 11.12 5.16
CA ILE A 142 26.79 12.27 6.08
C ILE A 142 28.19 12.23 6.78
N TRP A 143 28.86 11.09 6.67
CA TRP A 143 30.23 10.97 7.20
C TRP A 143 31.32 10.98 6.17
N GLY A 144 31.00 11.50 4.99
CA GLY A 144 31.98 11.65 3.93
C GLY A 144 33.05 10.57 3.90
N ALA A 145 32.64 9.30 3.96
CA ALA A 145 33.55 8.13 3.92
C ALA A 145 34.52 7.95 5.08
N LYS A 146 34.52 8.90 6.00
CA LYS A 146 35.36 8.82 7.21
C LYS A 146 34.85 7.72 8.18
N ALA A 147 33.54 7.71 8.49
CA ALA A 147 33.01 6.78 9.49
C ALA A 147 33.08 5.33 9.06
N GLU A 148 32.91 5.06 7.76
CA GLU A 148 32.99 3.72 7.23
C GLU A 148 33.60 3.63 5.82
N PRO A 149 34.96 3.66 5.73
CA PRO A 149 35.72 3.77 4.48
C PRO A 149 35.26 2.79 3.39
N LYS A 150 34.92 1.59 3.81
CA LYS A 150 34.47 0.56 2.90
C LYS A 150 33.27 0.98 2.03
N ILE A 151 32.62 2.08 2.38
CA ILE A 151 31.41 2.49 1.67
C ILE A 151 31.80 2.92 0.27
N ALA A 152 32.96 3.57 0.21
CA ALA A 152 33.41 4.23 -0.98
C ALA A 152 33.60 3.20 -2.04
N GLU A 153 34.22 2.09 -1.67
CA GLU A 153 34.35 0.91 -2.54
C GLU A 153 33.00 0.46 -3.14
N VAL A 154 32.00 0.27 -2.28
CA VAL A 154 30.62 0.06 -2.72
C VAL A 154 30.24 0.98 -3.90
N ALA A 155 30.41 2.31 -3.79
CA ALA A 155 30.24 3.23 -4.95
C ALA A 155 31.05 2.82 -6.21
N ALA A 156 32.38 2.77 -6.09
CA ALA A 156 33.22 2.37 -7.22
C ALA A 156 32.60 1.21 -7.95
N HIS A 157 32.31 0.19 -7.14
CA HIS A 157 31.71 -1.02 -7.56
C HIS A 157 30.42 -0.95 -8.41
N TYR A 158 29.39 -0.21 -7.97
CA TYR A 158 28.15 -0.06 -8.75
C TYR A 158 28.12 1.18 -9.63
N ASP A 159 29.13 2.02 -9.56
CA ASP A 159 29.19 3.25 -10.35
C ASP A 159 28.09 4.26 -10.07
N VAL A 160 27.76 4.41 -8.79
CA VAL A 160 26.65 5.18 -8.39
C VAL A 160 27.20 6.47 -7.86
N PRO A 161 26.59 7.59 -8.22
CA PRO A 161 27.15 8.84 -7.77
C PRO A 161 27.13 8.91 -6.27
N ILE A 162 28.18 9.42 -5.67
CA ILE A 162 28.20 9.56 -4.23
C ILE A 162 28.26 11.00 -3.76
N ILE A 163 27.41 11.32 -2.80
CA ILE A 163 27.47 12.63 -2.12
C ILE A 163 28.36 12.45 -0.89
N LEU A 164 29.30 13.39 -0.70
CA LEU A 164 30.22 13.38 0.40
C LEU A 164 30.07 14.63 1.18
N MET A 165 29.69 14.45 2.43
CA MET A 165 29.32 15.57 3.25
C MET A 165 30.46 15.80 4.21
N HIS A 166 30.73 17.08 4.44
CA HIS A 166 31.65 17.45 5.44
C HIS A 166 31.12 17.09 6.85
N ASN A 167 31.99 16.51 7.70
CA ASN A 167 31.66 16.16 9.09
C ASN A 167 32.90 15.86 9.95
N ARG A 168 32.75 15.94 11.28
CA ARG A 168 33.87 15.65 12.19
C ARG A 168 33.45 15.36 13.62
N ASP A 169 34.11 14.36 14.19
CA ASP A 169 33.82 13.89 15.52
C ASP A 169 33.99 15.00 16.59
N ASN A 170 34.66 16.10 16.22
CA ASN A 170 34.92 17.27 17.10
C ASN A 170 34.43 18.48 16.35
N MET A 171 34.51 19.68 16.94
CA MET A 171 34.37 20.94 16.15
C MET A 171 35.14 22.18 16.57
N ASN A 172 36.47 22.05 16.66
CA ASN A 172 37.29 23.24 16.79
C ASN A 172 38.30 23.39 15.62
N TYR A 173 38.14 24.50 14.90
CA TYR A 173 38.86 24.76 13.67
C TYR A 173 39.93 25.87 13.80
N ARG A 174 41.11 25.63 13.22
CA ARG A 174 42.08 26.71 12.98
C ARG A 174 41.33 27.68 12.09
N ASN A 175 40.78 27.21 10.97
CA ASN A 175 40.06 28.10 10.07
C ASN A 175 38.98 27.37 9.28
N LEU A 176 37.73 27.80 9.47
CA LEU A 176 36.58 27.05 9.06
C LEU A 176 36.63 26.64 7.63
N MET A 177 36.60 27.63 6.75
CA MET A 177 36.57 27.31 5.33
C MET A 177 37.76 26.52 4.87
N ALA A 178 38.95 26.90 5.34
CA ALA A 178 40.15 26.21 4.91
C ALA A 178 40.07 24.78 5.38
N ASP A 179 39.73 24.64 6.65
CA ASP A 179 39.52 23.35 7.29
C ASP A 179 38.40 22.50 6.68
N MET A 180 37.27 23.06 6.25
CA MET A 180 36.36 22.14 5.66
C MET A 180 36.68 21.73 4.23
N ILE A 181 37.34 22.62 3.49
CA ILE A 181 37.80 22.28 2.15
C ILE A 181 38.84 21.23 2.29
N ALA A 182 39.68 21.30 3.32
CA ALA A 182 40.69 20.26 3.57
C ALA A 182 40.02 18.91 3.76
N ASP A 183 39.13 18.85 4.76
CA ASP A 183 38.38 17.65 5.12
C ASP A 183 37.70 16.98 3.95
N LEU A 184 37.09 17.82 3.12
CA LEU A 184 36.36 17.32 2.00
C LEU A 184 37.37 16.69 1.11
N TYR A 185 38.52 17.35 1.01
CA TYR A 185 39.55 16.78 0.16
C TYR A 185 39.99 15.37 0.62
N ASP A 186 40.14 15.12 1.91
CA ASP A 186 40.37 13.73 2.36
C ASP A 186 39.22 12.77 1.99
N SER A 187 37.98 13.26 1.98
CA SER A 187 36.94 12.37 1.50
C SER A 187 37.14 11.97 0.06
N ILE A 188 37.25 12.95 -0.81
CA ILE A 188 37.59 12.69 -2.18
C ILE A 188 38.79 11.71 -2.29
N LYS A 189 39.89 12.00 -1.60
CA LYS A 189 41.03 11.07 -1.58
C LYS A 189 40.52 9.64 -1.31
N ILE A 190 39.83 9.40 -0.20
CA ILE A 190 39.26 8.08 0.09
C ILE A 190 38.40 7.51 -1.06
N ALA A 191 37.50 8.34 -1.59
CA ALA A 191 36.70 7.95 -2.74
C ALA A 191 37.55 7.46 -3.92
N LYS A 192 38.69 8.11 -4.14
CA LYS A 192 39.41 7.98 -5.39
C LYS A 192 40.28 6.78 -5.30
N ASP A 193 40.94 6.68 -4.15
CA ASP A 193 41.75 5.51 -3.86
C ASP A 193 40.87 4.30 -3.86
N ALA A 194 39.57 4.51 -3.64
CA ALA A 194 38.62 3.39 -3.68
C ALA A 194 38.19 2.99 -5.08
N GLY A 195 38.52 3.79 -6.10
CA GLY A 195 38.10 3.48 -7.46
C GLY A 195 36.99 4.37 -8.01
N VAL A 196 36.46 5.27 -7.18
CA VAL A 196 35.35 6.12 -7.60
C VAL A 196 35.82 7.11 -8.67
N ARG A 197 35.20 7.11 -9.85
CA ARG A 197 35.49 8.08 -10.92
C ARG A 197 35.12 9.53 -10.49
N ASP A 198 35.83 10.55 -10.98
CA ASP A 198 35.55 11.93 -10.52
C ASP A 198 34.09 12.29 -10.71
N GLU A 199 33.60 11.95 -11.89
CA GLU A 199 32.28 12.30 -12.40
C GLU A 199 31.17 11.76 -11.52
N ASN A 200 31.46 10.77 -10.69
CA ASN A 200 30.46 10.36 -9.74
C ASN A 200 30.56 11.05 -8.38
N ILE A 201 31.15 12.26 -8.28
CA ILE A 201 31.42 12.75 -6.94
C ILE A 201 30.73 14.05 -6.70
N ILE A 202 29.91 14.11 -5.68
CA ILE A 202 29.24 15.38 -5.37
C ILE A 202 29.65 15.80 -3.98
N LEU A 203 29.81 17.09 -3.72
CA LEU A 203 30.15 17.45 -2.37
C LEU A 203 29.01 18.19 -1.76
N ASP A 204 29.01 18.29 -0.43
CA ASP A 204 28.01 19.00 0.36
C ASP A 204 28.69 19.63 1.55
N PRO A 205 28.47 20.92 1.79
CA PRO A 205 29.31 21.50 2.83
C PRO A 205 28.96 21.03 4.24
N GLY A 206 27.93 20.20 4.38
CA GLY A 206 27.40 19.74 5.67
C GLY A 206 27.07 20.86 6.63
N ILE A 207 26.29 21.82 6.14
CA ILE A 207 25.78 22.86 6.98
C ILE A 207 24.89 22.12 7.97
N GLY A 208 24.99 22.49 9.27
CA GLY A 208 24.25 21.76 10.28
C GLY A 208 25.08 20.80 11.13
N PHE A 209 26.25 20.44 10.67
CA PHE A 209 27.04 19.42 11.42
C PHE A 209 28.37 19.86 11.86
N ALA A 210 28.69 19.50 13.09
CA ALA A 210 29.96 19.91 13.68
C ALA A 210 30.18 21.41 13.42
N LYS A 211 29.20 22.24 13.77
CA LYS A 211 29.26 23.65 13.46
C LYS A 211 28.49 24.51 14.44
N THR A 212 29.10 25.55 14.94
CA THR A 212 28.34 26.43 15.81
C THR A 212 27.29 27.19 14.97
N PRO A 213 26.38 27.95 15.63
CA PRO A 213 25.40 28.60 14.77
C PRO A 213 26.10 29.60 13.87
N GLU A 214 26.96 30.47 14.42
CA GLU A 214 27.71 31.45 13.62
C GLU A 214 28.64 30.75 12.62
N GLN A 215 29.30 29.69 13.04
CA GLN A 215 30.03 28.88 12.06
C GLN A 215 29.20 28.48 10.84
N ASN A 216 28.05 27.88 11.00
CA ASN A 216 27.06 27.59 9.86
C ASN A 216 26.78 28.74 8.93
N LEU A 217 26.42 29.86 9.49
CA LEU A 217 26.21 31.09 8.77
C LEU A 217 27.39 31.49 7.89
N GLU A 218 28.57 31.11 8.31
CA GLU A 218 29.77 31.73 7.83
C GLU A 218 30.21 30.88 6.73
N ALA A 219 29.99 29.57 6.84
CA ALA A 219 30.09 28.70 5.72
C ALA A 219 29.11 29.12 4.70
N MET A 220 28.03 29.74 5.11
CA MET A 220 26.94 30.02 4.17
C MET A 220 27.42 31.14 3.25
N ARG A 221 27.99 32.13 3.87
CA ARG A 221 28.66 33.22 3.22
C ARG A 221 29.81 32.84 2.24
N ASN A 222 30.48 31.69 2.44
CA ASN A 222 31.65 31.32 1.63
C ASN A 222 31.45 30.02 0.84
N LEU A 223 30.19 29.65 0.65
CA LEU A 223 29.88 28.56 -0.19
C LEU A 223 30.68 28.49 -1.51
N GLU A 224 30.85 29.64 -2.16
CA GLU A 224 31.60 29.78 -3.44
C GLU A 224 32.92 29.11 -3.42
N GLN A 225 33.72 29.30 -2.39
CA GLN A 225 34.93 28.48 -2.19
C GLN A 225 34.86 26.96 -2.53
N LEU A 226 33.82 26.20 -2.22
CA LEU A 226 33.89 24.74 -2.56
C LEU A 226 33.95 24.47 -4.02
N ASN A 227 33.44 25.41 -4.76
CA ASN A 227 33.64 25.46 -6.18
C ASN A 227 35.07 25.21 -6.67
N VAL A 228 36.07 25.68 -5.93
CA VAL A 228 37.38 25.53 -6.52
C VAL A 228 37.87 24.11 -6.55
N LEU A 229 37.15 23.20 -5.89
CA LEU A 229 37.51 21.78 -5.93
C LEU A 229 36.98 21.10 -7.19
N GLY A 230 36.19 21.83 -7.96
CA GLY A 230 35.62 21.34 -9.20
C GLY A 230 34.67 20.17 -9.18
N TYR A 231 33.77 20.11 -8.20
CA TYR A 231 32.69 19.12 -8.33
C TYR A 231 31.39 19.81 -8.07
N PRO A 232 30.33 19.18 -8.53
CA PRO A 232 28.98 19.65 -8.30
C PRO A 232 28.78 19.70 -6.80
N VAL A 233 28.15 20.77 -6.32
CA VAL A 233 27.83 20.86 -4.89
C VAL A 233 26.33 20.73 -4.57
N LEU A 234 25.99 19.94 -3.56
CA LEU A 234 24.65 19.92 -3.01
C LEU A 234 24.61 20.67 -1.70
N LEU A 235 23.62 21.49 -1.53
CA LEU A 235 23.44 22.19 -0.34
C LEU A 235 22.34 21.47 0.45
N GLY A 236 22.47 21.37 1.76
CA GLY A 236 21.44 20.70 2.54
C GLY A 236 21.16 21.55 3.74
N THR A 237 20.13 22.36 3.66
CA THR A 237 19.88 23.23 4.80
C THR A 237 18.44 23.24 5.33
N SER A 238 17.63 22.33 4.80
CA SER A 238 16.16 22.35 5.03
C SER A 238 15.84 22.37 6.49
N ARG A 239 15.09 23.39 6.87
CA ARG A 239 14.74 23.67 8.31
C ARG A 239 15.74 23.27 9.42
N LYS A 240 17.01 23.51 9.21
CA LYS A 240 18.00 23.18 10.18
C LYS A 240 17.90 24.14 11.39
N SER A 241 18.56 23.74 12.46
CA SER A 241 18.50 24.48 13.70
C SER A 241 18.96 25.96 13.64
N PHE A 242 19.98 26.28 12.86
CA PHE A 242 20.47 27.67 12.86
C PHE A 242 19.57 28.70 12.19
N ILE A 243 18.68 28.24 11.34
CA ILE A 243 17.56 29.05 10.93
C ILE A 243 16.69 29.38 12.12
N GLY A 244 16.37 28.31 12.86
CA GLY A 244 15.78 28.45 14.19
C GLY A 244 16.53 29.46 15.02
N HIS A 245 17.84 29.31 15.10
CA HIS A 245 18.62 30.20 15.90
C HIS A 245 18.51 31.67 15.45
N VAL A 246 18.55 31.91 14.15
CA VAL A 246 18.56 33.27 13.64
C VAL A 246 17.21 33.89 13.76
N LEU A 247 16.22 33.18 13.28
CA LEU A 247 14.86 33.65 13.11
C LEU A 247 14.06 33.49 14.38
N ASP A 248 14.56 32.60 15.24
CA ASP A 248 13.84 32.21 16.46
C ASP A 248 12.46 31.56 16.15
N LEU A 249 12.44 30.29 15.74
CA LEU A 249 11.28 29.69 15.08
C LEU A 249 11.36 28.14 14.93
N PRO A 250 10.25 27.47 15.25
CA PRO A 250 10.37 26.04 15.39
C PRO A 250 10.32 25.38 14.00
N VAL A 251 10.70 24.10 13.93
CA VAL A 251 10.89 23.46 12.65
C VAL A 251 9.80 23.80 11.56
N GLU A 252 8.54 23.83 11.94
CA GLU A 252 7.46 24.02 10.94
C GLU A 252 7.22 25.52 10.61
N GLU A 253 8.19 26.33 10.94
CA GLU A 253 8.12 27.75 10.66
C GLU A 253 9.38 28.25 9.97
N ARG A 254 10.05 27.35 9.28
CA ARG A 254 11.39 27.61 8.85
C ARG A 254 11.43 27.52 7.39
N LEU A 255 10.33 27.91 6.76
CA LEU A 255 10.23 27.63 5.35
C LEU A 255 10.85 28.82 4.57
N GLU A 256 10.58 30.04 5.01
CA GLU A 256 11.24 31.25 4.49
C GLU A 256 12.76 31.28 4.76
N GLY A 257 13.22 30.90 5.93
CA GLY A 257 14.64 30.76 6.14
C GLY A 257 15.22 29.67 5.25
N THR A 258 14.58 28.53 5.11
CA THR A 258 15.14 27.52 4.15
C THR A 258 15.29 28.18 2.75
N GLY A 259 14.26 28.88 2.33
CA GLY A 259 14.26 29.81 1.24
C GLY A 259 15.51 30.65 1.05
N ALA A 260 15.87 31.39 2.04
CA ALA A 260 16.98 32.27 1.93
C ALA A 260 18.19 31.40 1.73
N THR A 261 18.42 30.40 2.58
CA THR A 261 19.59 29.55 2.37
C THR A 261 19.65 29.01 0.92
N VAL A 262 18.53 28.48 0.45
CA VAL A 262 18.49 27.88 -0.92
C VAL A 262 18.81 28.91 -2.00
N CYS A 263 18.48 30.19 -1.81
CA CYS A 263 18.77 31.14 -2.88
C CYS A 263 20.23 31.56 -2.89
N LEU A 264 20.65 31.97 -1.73
CA LEU A 264 21.99 32.40 -1.54
C LEU A 264 22.91 31.21 -1.86
N GLY A 265 22.48 30.03 -1.51
CA GLY A 265 23.00 28.71 -2.16
C GLY A 265 23.15 28.76 -3.60
N ILE A 266 22.04 28.80 -4.32
CA ILE A 266 22.14 28.78 -5.83
C ILE A 266 22.94 29.97 -6.34
N GLU A 267 23.03 31.13 -5.60
CA GLU A 267 23.61 32.24 -6.25
C GLU A 267 25.11 32.18 -6.06
N LYS A 268 25.49 31.41 -5.07
CA LYS A 268 26.88 30.99 -4.95
C LYS A 268 27.10 29.75 -5.75
N GLY A 269 26.26 29.55 -6.75
CA GLY A 269 26.57 28.41 -7.72
C GLY A 269 26.49 26.97 -7.17
N CYS A 270 25.53 26.51 -6.40
CA CYS A 270 25.54 25.02 -6.18
C CYS A 270 24.52 24.27 -7.04
N GLU A 271 24.67 22.98 -7.15
CA GLU A 271 24.03 22.19 -8.29
C GLU A 271 22.71 21.46 -7.87
N PHE A 272 22.61 20.86 -6.70
CA PHE A 272 21.39 20.51 -6.04
C PHE A 272 21.09 21.31 -4.69
N VAL A 273 19.82 21.33 -4.27
CA VAL A 273 19.42 21.59 -2.91
C VAL A 273 18.63 20.37 -2.43
N ARG A 274 18.82 19.96 -1.18
CA ARG A 274 18.11 18.87 -0.57
C ARG A 274 17.12 19.42 0.42
N VAL A 275 15.80 19.24 0.19
CA VAL A 275 14.76 19.99 0.98
C VAL A 275 13.47 19.26 1.32
N HIS A 276 12.75 19.74 2.33
CA HIS A 276 11.52 19.10 2.78
C HIS A 276 10.35 19.63 1.99
N ASP A 277 10.29 20.95 1.90
CA ASP A 277 9.18 21.64 1.34
C ASP A 277 9.34 21.91 -0.14
N VAL A 278 9.14 20.86 -0.94
CA VAL A 278 9.36 20.79 -2.36
C VAL A 278 8.48 21.68 -3.23
N LYS A 279 7.15 21.76 -3.09
CA LYS A 279 6.44 22.88 -3.79
C LYS A 279 7.22 24.19 -3.70
N GLU A 280 7.58 24.61 -2.51
CA GLU A 280 7.98 26.04 -2.37
C GLU A 280 9.40 26.29 -2.87
N MET A 281 10.27 25.29 -2.70
CA MET A 281 11.67 25.45 -3.02
C MET A 281 11.87 25.32 -4.50
N SER A 282 11.00 24.52 -5.15
CA SER A 282 11.12 24.27 -6.58
C SER A 282 10.90 25.55 -7.30
N ARG A 283 10.11 26.40 -6.67
CA ARG A 283 9.76 27.65 -7.28
C ARG A 283 10.79 28.67 -7.00
N MET A 284 11.46 28.62 -5.86
CA MET A 284 12.43 29.70 -5.60
C MET A 284 13.59 29.28 -6.49
N ALA A 285 13.91 27.99 -6.59
CA ALA A 285 14.91 27.58 -7.55
C ALA A 285 14.67 28.07 -9.01
N LYS A 286 13.51 27.80 -9.61
CA LYS A 286 13.33 28.25 -11.03
C LYS A 286 13.51 29.78 -11.02
N MET A 287 12.95 30.46 -10.07
CA MET A 287 13.18 31.92 -10.07
C MET A 287 14.67 32.26 -10.10
N MET A 288 15.48 31.74 -9.14
CA MET A 288 16.90 32.07 -9.08
C MET A 288 17.51 31.73 -10.47
N ASP A 289 17.32 30.46 -10.91
CA ASP A 289 17.75 30.10 -12.19
C ASP A 289 17.51 31.12 -13.26
N ALA A 290 16.26 31.42 -13.51
CA ALA A 290 15.96 32.51 -14.43
C ALA A 290 16.90 33.67 -14.20
N MET A 291 17.01 34.20 -12.93
CA MET A 291 17.69 35.41 -12.77
C MET A 291 19.20 35.24 -12.97
N ILE A 292 19.82 34.25 -12.37
CA ILE A 292 21.26 34.17 -12.55
C ILE A 292 21.59 33.58 -13.96
N GLY A 293 20.53 33.18 -14.66
CA GLY A 293 20.63 32.79 -16.05
C GLY A 293 21.20 31.40 -16.23
N LYS A 294 20.50 30.32 -15.82
CA LYS A 294 21.06 28.96 -15.91
C LYS A 294 20.08 28.10 -16.66
N GLY B 13 -40.81 -9.22 5.39
CA GLY B 13 -39.58 -9.48 4.52
C GLY B 13 -39.87 -9.41 3.02
N LEU B 14 -39.95 -10.59 2.37
CA LEU B 14 -40.38 -10.76 0.95
C LEU B 14 -41.93 -10.64 0.76
N VAL B 15 -42.39 -9.41 0.44
CA VAL B 15 -43.80 -8.96 0.60
C VAL B 15 -44.49 -8.36 -0.69
N PRO B 16 -45.72 -8.84 -1.04
CA PRO B 16 -46.39 -8.31 -2.26
C PRO B 16 -46.98 -6.91 -2.08
N MET B 21 -42.38 -9.76 -6.74
CA MET B 21 -42.64 -8.69 -5.74
C MET B 21 -41.34 -8.33 -4.92
N LYS B 22 -41.42 -7.30 -4.06
CA LYS B 22 -40.24 -6.72 -3.38
C LYS B 22 -39.88 -7.33 -2.00
N TRP B 23 -38.66 -7.13 -1.52
CA TRP B 23 -38.38 -7.19 -0.09
C TRP B 23 -38.83 -5.86 0.52
N ASP B 24 -39.05 -5.79 1.83
CA ASP B 24 -39.54 -4.53 2.40
C ASP B 24 -38.49 -3.87 3.28
N TYR B 25 -37.38 -4.57 3.47
CA TYR B 25 -36.25 -4.01 4.20
C TYR B 25 -34.95 -3.85 3.43
N ASP B 26 -34.10 -2.98 3.98
CA ASP B 26 -32.78 -2.73 3.47
C ASP B 26 -31.71 -3.49 4.19
N LEU B 27 -30.66 -3.84 3.49
CA LEU B 27 -29.62 -4.51 4.18
C LEU B 27 -28.65 -3.40 4.57
N ARG B 28 -28.56 -3.16 5.86
CA ARG B 28 -27.90 -2.02 6.39
C ARG B 28 -26.69 -2.47 7.20
N CYS B 29 -25.52 -1.93 6.83
CA CYS B 29 -24.20 -2.34 7.33
C CYS B 29 -23.32 -1.12 7.40
N GLY B 30 -23.25 -0.53 8.61
CA GLY B 30 -22.49 0.70 8.84
C GLY B 30 -23.00 1.79 7.92
N GLU B 31 -22.09 2.65 7.46
CA GLU B 31 -22.45 3.71 6.52
C GLU B 31 -23.02 3.25 5.14
N TYR B 32 -23.07 1.95 4.84
CA TYR B 32 -23.60 1.52 3.54
C TYR B 32 -24.92 0.79 3.65
N THR B 33 -25.80 1.10 2.73
CA THR B 33 -27.04 0.36 2.65
C THR B 33 -27.18 -0.28 1.28
N LEU B 34 -27.47 -1.59 1.28
CA LEU B 34 -27.55 -2.31 0.04
C LEU B 34 -29.05 -2.55 -0.15
N ASN B 35 -29.60 -2.08 -1.27
CA ASN B 35 -30.98 -2.36 -1.62
C ASN B 35 -31.19 -3.74 -2.32
N LEU B 36 -32.15 -4.53 -1.84
CA LEU B 36 -32.35 -5.88 -2.41
C LEU B 36 -33.26 -5.88 -3.62
N ASN B 37 -33.84 -4.74 -4.01
CA ASN B 37 -34.84 -4.83 -5.03
C ASN B 37 -34.41 -4.38 -6.40
N GLU B 38 -33.24 -3.78 -6.53
CA GLU B 38 -32.97 -3.10 -7.79
C GLU B 38 -32.11 -3.91 -8.69
N LYS B 39 -31.23 -4.71 -8.11
CA LYS B 39 -30.31 -5.49 -8.85
C LYS B 39 -29.63 -6.57 -8.03
N THR B 40 -29.28 -7.68 -8.67
CA THR B 40 -28.43 -8.61 -8.00
C THR B 40 -27.14 -7.88 -7.48
N LEU B 41 -26.64 -8.33 -6.34
CA LEU B 41 -25.50 -7.70 -5.78
C LEU B 41 -24.34 -8.61 -5.96
N ILE B 42 -23.29 -8.06 -6.57
CA ILE B 42 -22.11 -8.87 -6.82
C ILE B 42 -21.26 -8.71 -5.61
N MET B 43 -20.70 -9.83 -5.14
CA MET B 43 -19.64 -9.74 -4.15
C MET B 43 -18.34 -10.40 -4.57
N GLY B 44 -17.32 -9.57 -4.79
CA GLY B 44 -16.04 -9.97 -5.32
C GLY B 44 -15.14 -10.60 -4.30
N ILE B 45 -14.66 -11.79 -4.63
CA ILE B 45 -13.70 -12.56 -3.84
C ILE B 45 -12.28 -11.97 -3.94
N LEU B 46 -11.75 -11.55 -2.79
CA LEU B 46 -10.42 -10.99 -2.70
C LEU B 46 -9.32 -12.04 -2.48
N ASN B 47 -8.16 -11.72 -3.05
CA ASN B 47 -6.95 -12.59 -3.06
C ASN B 47 -6.21 -12.63 -1.73
N VAL B 48 -6.13 -13.81 -1.09
CA VAL B 48 -5.32 -14.01 0.16
C VAL B 48 -4.30 -15.18 0.04
N THR B 49 -3.09 -14.83 -0.45
CA THR B 49 -1.98 -15.76 -0.72
C THR B 49 -1.37 -16.48 0.51
N PRO B 50 -1.89 -17.70 0.82
CA PRO B 50 -1.40 -18.51 1.94
C PRO B 50 -0.01 -19.13 1.68
N SER B 58 2.61 -7.08 5.45
CA SER B 58 3.57 -6.80 4.33
C SER B 58 3.00 -5.82 3.37
N TYR B 59 3.87 -4.98 2.82
CA TYR B 59 3.41 -4.05 1.81
C TYR B 59 2.76 -4.78 0.63
N ASN B 60 3.61 -5.74 0.06
CA ASN B 60 3.22 -6.39 -1.20
C ASN B 60 1.85 -7.04 -1.11
N GLU B 61 1.62 -7.66 0.04
CA GLU B 61 0.42 -8.35 0.23
C GLU B 61 -0.71 -7.28 0.23
N VAL B 62 -0.71 -6.41 1.30
CA VAL B 62 -1.86 -5.50 1.51
C VAL B 62 -2.06 -4.52 0.36
N ASP B 63 -0.98 -4.37 -0.43
CA ASP B 63 -1.08 -3.54 -1.62
C ASP B 63 -1.83 -4.25 -2.76
N ALA B 64 -1.37 -5.53 -3.06
CA ALA B 64 -2.00 -6.27 -4.18
C ALA B 64 -3.49 -6.42 -3.89
N ALA B 65 -3.78 -6.33 -2.61
CA ALA B 65 -5.13 -6.44 -2.14
C ALA B 65 -5.97 -5.17 -2.37
N VAL B 66 -5.45 -3.99 -2.01
CA VAL B 66 -6.16 -2.75 -2.39
C VAL B 66 -6.28 -2.64 -3.93
N ARG B 67 -5.17 -2.78 -4.66
CA ARG B 67 -5.22 -2.76 -6.13
C ARG B 67 -6.43 -3.57 -6.61
N HIS B 68 -6.57 -4.78 -6.07
CA HIS B 68 -7.58 -5.68 -6.52
C HIS B 68 -8.97 -5.21 -6.14
N ALA B 69 -9.14 -4.93 -4.85
CA ALA B 69 -10.32 -4.22 -4.39
C ALA B 69 -10.71 -3.06 -5.30
N LYS B 70 -9.78 -2.16 -5.61
CA LYS B 70 -10.16 -1.02 -6.43
C LYS B 70 -10.54 -1.48 -7.82
N GLU B 71 -9.92 -2.52 -8.28
CA GLU B 71 -10.29 -2.99 -9.61
C GLU B 71 -11.67 -3.70 -9.67
N MET B 72 -12.01 -4.49 -8.65
CA MET B 72 -13.38 -4.94 -8.53
C MET B 72 -14.40 -3.80 -8.29
N ARG B 73 -14.01 -2.83 -7.46
CA ARG B 73 -14.82 -1.65 -7.27
C ARG B 73 -15.12 -1.06 -8.63
N ASP B 74 -14.06 -0.83 -9.41
CA ASP B 74 -14.23 -0.39 -10.80
C ASP B 74 -15.04 -1.31 -11.73
N GLU B 75 -15.09 -2.62 -11.50
CA GLU B 75 -15.75 -3.51 -12.48
C GLU B 75 -17.27 -3.81 -12.23
N GLY B 76 -17.72 -3.57 -10.98
CA GLY B 76 -19.12 -3.57 -10.71
C GLY B 76 -19.46 -4.24 -9.40
N ALA B 77 -18.44 -4.52 -8.60
CA ALA B 77 -18.67 -5.13 -7.28
C ALA B 77 -19.46 -4.20 -6.38
N HIS B 78 -20.23 -4.76 -5.45
CA HIS B 78 -20.99 -4.05 -4.44
C HIS B 78 -20.60 -4.46 -3.01
N ILE B 79 -20.00 -5.64 -2.89
CA ILE B 79 -19.35 -6.01 -1.62
C ILE B 79 -17.97 -6.55 -1.97
N ILE B 80 -16.96 -6.28 -1.13
CA ILE B 80 -15.68 -7.02 -1.21
C ILE B 80 -15.64 -8.07 -0.07
N ASP B 81 -15.34 -9.31 -0.42
CA ASP B 81 -15.26 -10.40 0.56
C ASP B 81 -13.81 -10.74 0.82
N ILE B 82 -13.38 -10.75 2.08
CA ILE B 82 -12.00 -10.99 2.41
C ILE B 82 -11.85 -12.26 3.21
N GLY B 83 -11.37 -13.30 2.53
CA GLY B 83 -11.40 -14.67 3.05
C GLY B 83 -10.12 -14.97 3.75
N GLY B 84 -10.20 -15.15 5.07
CA GLY B 84 -8.98 -15.34 5.87
C GLY B 84 -8.11 -16.50 5.39
N GLU B 85 -8.76 -17.64 5.20
CA GLU B 85 -8.15 -18.85 4.65
C GLU B 85 -8.93 -19.29 3.41
N SER B 86 -8.24 -20.11 2.60
CA SER B 86 -8.72 -20.71 1.36
C SER B 86 -9.54 -21.99 1.63
N SER B 95 -3.43 -20.40 12.04
CA SER B 95 -4.34 -20.72 13.12
C SER B 95 -5.11 -19.48 13.59
N VAL B 96 -5.31 -19.35 14.91
CA VAL B 96 -6.24 -18.33 15.44
C VAL B 96 -5.71 -16.89 15.28
N GLU B 97 -4.50 -16.59 15.78
CA GLU B 97 -3.90 -15.23 15.58
C GLU B 97 -3.20 -15.07 14.25
N GLU B 98 -2.92 -16.19 13.61
CA GLU B 98 -2.47 -16.16 12.23
C GLU B 98 -3.50 -15.45 11.37
N GLU B 99 -4.65 -16.10 11.18
CA GLU B 99 -5.72 -15.54 10.33
C GLU B 99 -5.98 -14.07 10.64
N ILE B 100 -5.84 -13.67 11.91
CA ILE B 100 -6.05 -12.28 12.29
C ILE B 100 -4.95 -11.38 11.72
N LYS B 101 -3.70 -11.61 12.17
CA LYS B 101 -2.55 -10.95 11.59
C LYS B 101 -2.79 -10.74 10.12
N ARG B 102 -3.09 -11.83 9.42
CA ARG B 102 -3.32 -11.80 7.98
C ARG B 102 -4.51 -11.02 7.55
N VAL B 103 -5.62 -11.10 8.28
CA VAL B 103 -6.81 -10.52 7.71
C VAL B 103 -7.10 -9.06 8.09
N VAL B 104 -6.76 -8.70 9.33
CA VAL B 104 -7.07 -7.36 9.81
C VAL B 104 -6.48 -6.20 8.95
N PRO B 105 -5.14 -6.17 8.71
CA PRO B 105 -4.54 -5.10 7.88
C PRO B 105 -5.27 -4.84 6.56
N MET B 106 -5.47 -5.90 5.80
CA MET B 106 -6.38 -5.93 4.67
C MET B 106 -7.67 -5.12 4.84
N ILE B 107 -8.47 -5.46 5.87
CA ILE B 107 -9.69 -4.75 6.11
C ILE B 107 -9.49 -3.25 6.29
N GLN B 108 -8.58 -2.88 7.22
CA GLN B 108 -8.29 -1.48 7.51
C GLN B 108 -7.95 -0.72 6.23
N ALA B 109 -7.05 -1.28 5.42
CA ALA B 109 -6.59 -0.60 4.21
C ALA B 109 -7.71 -0.53 3.18
N VAL B 110 -8.45 -1.60 3.03
CA VAL B 110 -9.47 -1.67 1.99
C VAL B 110 -10.68 -0.75 2.22
N SER B 111 -11.20 -0.78 3.46
CA SER B 111 -12.27 0.09 3.93
C SER B 111 -11.88 1.55 3.77
N LYS B 112 -10.69 1.89 4.29
CA LYS B 112 -10.08 3.21 4.21
C LYS B 112 -10.04 3.73 2.79
N GLU B 113 -9.88 2.85 1.82
CA GLU B 113 -9.52 3.30 0.48
C GLU B 113 -10.34 2.83 -0.68
N VAL B 114 -11.43 2.09 -0.40
CA VAL B 114 -12.47 1.74 -1.35
C VAL B 114 -13.82 1.92 -0.66
N LYS B 115 -14.63 2.88 -1.10
CA LYS B 115 -15.92 3.11 -0.45
C LYS B 115 -16.92 2.04 -0.91
N LEU B 116 -16.91 0.91 -0.19
CA LEU B 116 -17.80 -0.25 -0.44
C LEU B 116 -17.89 -1.01 0.86
N PRO B 117 -19.00 -1.70 1.07
CA PRO B 117 -19.08 -2.59 2.23
C PRO B 117 -18.24 -3.86 2.11
N ILE B 118 -17.54 -4.20 3.18
CA ILE B 118 -16.61 -5.30 3.26
C ILE B 118 -17.25 -6.43 4.04
N SER B 119 -16.99 -7.64 3.59
CA SER B 119 -17.40 -8.78 4.33
C SER B 119 -16.23 -9.69 4.67
N ILE B 120 -16.20 -10.15 5.93
CA ILE B 120 -15.17 -11.08 6.41
C ILE B 120 -15.60 -12.55 6.35
N ASP B 121 -14.87 -13.35 5.57
CA ASP B 121 -15.19 -14.75 5.41
C ASP B 121 -14.43 -15.55 6.43
N THR B 122 -14.96 -15.60 7.65
CA THR B 122 -14.47 -16.53 8.66
C THR B 122 -15.60 -17.38 9.22
N TYR B 123 -15.26 -18.27 10.16
CA TYR B 123 -16.25 -18.99 10.95
C TYR B 123 -15.93 -19.03 12.43
N LYS B 124 -14.71 -18.58 12.79
CA LYS B 124 -14.25 -18.45 14.17
C LYS B 124 -14.83 -17.18 14.76
N ALA B 125 -15.18 -17.24 16.04
CA ALA B 125 -15.78 -16.09 16.70
C ALA B 125 -14.76 -14.96 16.90
N GLU B 126 -13.55 -15.33 17.31
CA GLU B 126 -12.48 -14.37 17.57
C GLU B 126 -12.15 -13.52 16.33
N VAL B 127 -11.85 -14.21 15.24
CA VAL B 127 -11.62 -13.59 13.94
C VAL B 127 -12.73 -12.60 13.64
N ALA B 128 -13.98 -13.03 13.76
CA ALA B 128 -15.09 -12.17 13.47
C ALA B 128 -15.09 -10.81 14.21
N LYS B 129 -14.82 -10.82 15.51
CA LYS B 129 -14.80 -9.56 16.28
C LYS B 129 -13.71 -8.61 15.73
N GLN B 130 -12.45 -9.06 15.81
CA GLN B 130 -11.30 -8.32 15.28
C GLN B 130 -11.69 -7.67 13.96
N ALA B 131 -12.20 -8.49 13.03
CA ALA B 131 -12.54 -8.05 11.70
C ALA B 131 -13.55 -6.90 11.70
N ILE B 132 -14.54 -6.95 12.58
CA ILE B 132 -15.53 -5.89 12.58
C ILE B 132 -15.03 -4.66 13.31
N GLU B 133 -14.28 -4.89 14.38
CA GLU B 133 -13.45 -3.84 15.01
C GLU B 133 -12.54 -3.21 13.96
N ALA B 134 -11.92 -4.04 13.14
CA ALA B 134 -11.05 -3.61 12.05
C ALA B 134 -11.78 -2.76 11.01
N GLY B 135 -13.05 -3.06 10.75
CA GLY B 135 -13.83 -2.20 9.88
C GLY B 135 -14.73 -2.92 8.90
N ALA B 136 -14.88 -4.24 9.08
CA ALA B 136 -15.70 -5.08 8.20
C ALA B 136 -17.17 -4.95 8.56
N HIS B 137 -18.05 -5.14 7.59
CA HIS B 137 -19.47 -4.86 7.83
C HIS B 137 -20.43 -6.03 7.89
N ILE B 138 -20.01 -7.21 7.42
CA ILE B 138 -20.87 -8.35 7.10
C ILE B 138 -20.12 -9.61 7.41
N ILE B 139 -20.60 -10.40 8.35
CA ILE B 139 -19.96 -11.66 8.57
C ILE B 139 -20.45 -12.67 7.58
N ASN B 140 -19.55 -13.54 7.20
CA ASN B 140 -19.89 -14.55 6.23
C ASN B 140 -19.27 -15.87 6.62
N ASP B 141 -20.15 -16.77 7.07
CA ASP B 141 -19.75 -18.02 7.72
C ASP B 141 -20.04 -19.26 6.86
N ILE B 142 -18.98 -20.00 6.51
CA ILE B 142 -19.09 -21.26 5.78
C ILE B 142 -19.53 -22.44 6.65
N TRP B 143 -19.82 -22.23 7.93
CA TRP B 143 -20.35 -23.30 8.78
C TRP B 143 -21.64 -22.89 9.44
N GLY B 144 -22.08 -21.69 9.08
CA GLY B 144 -23.30 -21.13 9.58
C GLY B 144 -23.62 -21.42 11.02
N ALA B 145 -22.65 -21.21 11.91
CA ALA B 145 -22.81 -21.28 13.37
C ALA B 145 -22.68 -22.66 14.01
N LYS B 146 -22.55 -23.68 13.15
CA LYS B 146 -22.44 -25.05 13.65
C LYS B 146 -21.00 -25.30 14.08
N ALA B 147 -20.14 -24.32 13.84
CA ALA B 147 -18.73 -24.49 14.07
C ALA B 147 -18.39 -23.72 15.32
N GLU B 148 -18.46 -22.40 15.28
CA GLU B 148 -18.22 -21.61 16.50
C GLU B 148 -19.44 -20.73 16.76
N PRO B 149 -20.45 -21.30 17.44
CA PRO B 149 -21.78 -20.70 17.62
C PRO B 149 -21.72 -19.28 18.14
N LYS B 150 -20.93 -19.11 19.20
CA LYS B 150 -20.42 -17.83 19.70
C LYS B 150 -20.35 -16.68 18.66
N ILE B 151 -20.26 -17.04 17.39
CA ILE B 151 -20.18 -16.06 16.34
C ILE B 151 -21.47 -15.29 16.17
N ALA B 152 -22.59 -15.97 16.37
CA ALA B 152 -23.90 -15.35 16.19
C ALA B 152 -24.06 -14.20 17.17
N GLU B 153 -23.62 -14.44 18.39
CA GLU B 153 -23.56 -13.40 19.39
C GLU B 153 -22.86 -12.15 18.86
N VAL B 154 -21.75 -12.32 18.14
CA VAL B 154 -20.98 -11.16 17.63
C VAL B 154 -21.79 -10.33 16.63
N ALA B 155 -22.43 -11.02 15.68
CA ALA B 155 -23.39 -10.42 14.76
C ALA B 155 -24.54 -9.71 15.46
N ALA B 156 -25.12 -10.35 16.47
CA ALA B 156 -26.20 -9.71 17.20
C ALA B 156 -25.62 -8.57 17.99
N HIS B 157 -24.39 -8.73 18.43
CA HIS B 157 -23.72 -7.72 19.26
C HIS B 157 -23.23 -6.51 18.47
N TYR B 158 -22.92 -6.73 17.19
CA TYR B 158 -22.48 -5.65 16.29
C TYR B 158 -23.56 -5.31 15.28
N ASP B 159 -24.72 -5.92 15.44
CA ASP B 159 -25.87 -5.71 14.57
C ASP B 159 -25.57 -5.68 13.08
N VAL B 160 -24.75 -6.61 12.60
CA VAL B 160 -24.31 -6.65 11.22
C VAL B 160 -24.85 -7.90 10.54
N PRO B 161 -25.07 -7.86 9.22
CA PRO B 161 -25.67 -8.99 8.54
C PRO B 161 -24.79 -10.19 8.62
N ILE B 162 -25.33 -11.35 8.31
CA ILE B 162 -24.57 -12.55 8.37
C ILE B 162 -25.02 -13.53 7.27
N ILE B 163 -24.06 -14.27 6.76
CA ILE B 163 -24.32 -15.24 5.76
C ILE B 163 -24.04 -16.52 6.45
N LEU B 164 -24.99 -17.42 6.31
CA LEU B 164 -24.90 -18.75 6.83
C LEU B 164 -24.93 -19.66 5.65
N MET B 165 -23.79 -20.27 5.33
CA MET B 165 -23.70 -21.24 4.23
C MET B 165 -24.13 -22.62 4.71
N HIS B 166 -24.69 -23.43 3.82
CA HIS B 166 -25.03 -24.77 4.19
C HIS B 166 -23.79 -25.59 4.21
N ASN B 167 -23.52 -26.28 5.31
CA ASN B 167 -22.38 -27.20 5.32
C ASN B 167 -22.67 -28.39 6.23
N ARG B 168 -21.93 -29.50 6.14
CA ARG B 168 -22.09 -30.60 7.09
C ARG B 168 -20.94 -31.55 6.95
N ASP B 169 -20.76 -32.42 7.93
CA ASP B 169 -19.66 -33.37 7.96
C ASP B 169 -19.69 -34.30 6.79
N ASN B 170 -20.61 -35.22 6.84
CA ASN B 170 -20.74 -36.24 5.84
C ASN B 170 -21.53 -35.64 4.71
N MET B 171 -21.81 -36.47 3.70
CA MET B 171 -22.78 -36.15 2.68
C MET B 171 -23.75 -37.30 2.34
N ASN B 172 -24.36 -37.93 3.36
CA ASN B 172 -25.38 -38.96 3.12
C ASN B 172 -26.76 -38.29 3.25
N TYR B 173 -27.35 -37.90 2.12
CA TYR B 173 -28.58 -37.16 2.14
C TYR B 173 -29.76 -38.06 1.90
N ARG B 174 -30.77 -37.99 2.79
CA ARG B 174 -32.03 -38.71 2.60
C ARG B 174 -32.75 -38.30 1.31
N ASN B 175 -32.91 -36.96 1.20
CA ASN B 175 -33.42 -36.23 0.05
C ASN B 175 -32.70 -34.85 0.07
N LEU B 176 -31.84 -34.60 -0.92
CA LEU B 176 -30.86 -33.50 -0.82
C LEU B 176 -31.47 -32.19 -0.35
N MET B 177 -32.38 -31.65 -1.15
CA MET B 177 -33.01 -30.35 -0.89
C MET B 177 -33.68 -30.17 0.44
N ALA B 178 -34.48 -31.16 0.85
CA ALA B 178 -35.16 -31.02 2.13
C ALA B 178 -34.16 -31.11 3.23
N ASP B 179 -33.21 -32.05 3.17
CA ASP B 179 -32.03 -31.99 4.08
C ASP B 179 -31.18 -30.66 4.03
N MET B 180 -31.01 -30.04 2.87
CA MET B 180 -30.33 -28.75 2.94
C MET B 180 -31.18 -27.69 3.66
N ILE B 181 -32.49 -27.76 3.55
CA ILE B 181 -33.33 -26.75 4.19
C ILE B 181 -33.43 -27.05 5.63
N ALA B 182 -33.43 -28.33 6.01
CA ALA B 182 -33.36 -28.67 7.42
C ALA B 182 -32.16 -27.97 8.04
N ASP B 183 -30.98 -28.20 7.44
CA ASP B 183 -29.74 -27.76 8.03
C ASP B 183 -29.73 -26.27 8.15
N LEU B 184 -30.23 -25.62 7.12
CA LEU B 184 -30.22 -24.18 7.10
C LEU B 184 -31.06 -23.65 8.25
N TYR B 185 -32.25 -24.19 8.48
CA TYR B 185 -33.09 -23.80 9.59
CA TYR B 185 -33.07 -23.73 9.59
C TYR B 185 -32.36 -23.98 10.90
N ASP B 186 -31.64 -25.09 11.04
CA ASP B 186 -30.83 -25.26 12.27
C ASP B 186 -29.89 -24.09 12.53
N SER B 187 -29.29 -23.50 11.47
CA SER B 187 -28.38 -22.35 11.58
C SER B 187 -29.16 -21.13 12.02
N ILE B 188 -30.27 -20.90 11.33
CA ILE B 188 -31.12 -19.75 11.56
C ILE B 188 -31.55 -19.77 13.00
N LYS B 189 -31.82 -20.95 13.53
CA LYS B 189 -32.25 -21.08 14.91
C LYS B 189 -31.22 -20.43 15.80
N ILE B 190 -29.99 -20.93 15.72
CA ILE B 190 -28.87 -20.44 16.54
C ILE B 190 -28.69 -18.92 16.41
N ALA B 191 -28.72 -18.45 15.17
CA ALA B 191 -28.70 -17.02 14.90
C ALA B 191 -29.74 -16.25 15.73
N LYS B 192 -31.02 -16.59 15.54
CA LYS B 192 -32.14 -15.94 16.23
C LYS B 192 -32.02 -16.04 17.73
N ASP B 193 -31.59 -17.21 18.15
CA ASP B 193 -31.46 -17.61 19.55
C ASP B 193 -30.29 -16.90 20.20
N ALA B 194 -29.37 -16.42 19.37
CA ALA B 194 -28.23 -15.65 19.82
C ALA B 194 -28.64 -14.20 19.97
N GLY B 195 -29.55 -13.76 19.11
CA GLY B 195 -30.14 -12.45 19.27
C GLY B 195 -30.18 -11.77 17.93
N VAL B 196 -29.77 -12.48 16.87
CA VAL B 196 -29.69 -11.89 15.52
C VAL B 196 -31.08 -11.57 14.99
N ARG B 197 -31.28 -10.30 14.65
CA ARG B 197 -32.51 -9.86 14.07
C ARG B 197 -32.66 -10.56 12.77
N ASP B 198 -33.89 -10.72 12.33
CA ASP B 198 -34.23 -11.50 11.17
C ASP B 198 -33.67 -10.87 9.94
N GLU B 199 -33.76 -9.54 9.91
CA GLU B 199 -33.38 -8.76 8.75
C GLU B 199 -31.88 -8.78 8.48
N ASN B 200 -31.12 -9.32 9.43
CA ASN B 200 -29.70 -9.56 9.22
C ASN B 200 -29.33 -10.96 8.79
N ILE B 201 -30.23 -11.72 8.20
CA ILE B 201 -29.85 -13.10 7.88
C ILE B 201 -29.87 -13.34 6.39
N ILE B 202 -28.77 -13.97 5.93
CA ILE B 202 -28.62 -14.33 4.54
C ILE B 202 -28.27 -15.82 4.43
N LEU B 203 -28.94 -16.55 3.56
CA LEU B 203 -28.58 -17.97 3.40
C LEU B 203 -27.81 -18.20 2.14
N ASP B 204 -26.96 -19.22 2.19
CA ASP B 204 -26.20 -19.67 1.07
C ASP B 204 -26.32 -21.18 1.05
N PRO B 205 -26.65 -21.74 -0.12
CA PRO B 205 -26.79 -23.17 -0.34
C PRO B 205 -25.50 -23.92 -0.17
N GLY B 206 -24.34 -23.27 -0.25
CA GLY B 206 -23.12 -23.98 -0.04
C GLY B 206 -22.84 -24.92 -1.18
N ILE B 207 -23.07 -24.45 -2.40
CA ILE B 207 -22.67 -25.28 -3.57
C ILE B 207 -21.16 -25.59 -3.50
N GLY B 208 -20.81 -26.85 -3.68
CA GLY B 208 -19.41 -27.28 -3.62
C GLY B 208 -18.93 -27.63 -2.22
N PHE B 209 -19.83 -27.77 -1.26
CA PHE B 209 -19.47 -28.22 0.08
C PHE B 209 -20.39 -29.35 0.40
N ALA B 210 -19.80 -30.40 0.98
CA ALA B 210 -20.46 -31.59 1.42
C ALA B 210 -21.43 -32.07 0.35
N LYS B 211 -21.05 -31.90 -0.90
CA LYS B 211 -21.92 -32.32 -2.00
C LYS B 211 -21.12 -33.01 -3.12
N THR B 212 -21.38 -34.30 -3.38
CA THR B 212 -20.91 -34.98 -4.62
C THR B 212 -21.17 -34.09 -5.84
N PRO B 213 -20.35 -34.18 -6.92
CA PRO B 213 -20.57 -33.31 -8.08
C PRO B 213 -22.06 -33.33 -8.56
N GLU B 214 -22.65 -34.51 -8.61
CA GLU B 214 -24.07 -34.64 -8.94
C GLU B 214 -25.09 -33.88 -8.11
N GLN B 215 -24.81 -33.67 -6.84
CA GLN B 215 -25.78 -33.14 -5.96
C GLN B 215 -25.72 -31.70 -6.08
N ASN B 216 -24.54 -31.18 -6.44
CA ASN B 216 -24.37 -29.72 -6.67
C ASN B 216 -25.24 -29.37 -7.82
N LEU B 217 -25.20 -30.23 -8.84
CA LEU B 217 -26.09 -30.12 -9.99
C LEU B 217 -27.57 -30.18 -9.67
N GLU B 218 -27.97 -30.93 -8.66
CA GLU B 218 -29.31 -30.88 -8.17
C GLU B 218 -29.66 -29.57 -7.32
N ALA B 219 -28.69 -29.05 -6.60
CA ALA B 219 -29.03 -28.06 -5.68
C ALA B 219 -29.24 -26.78 -6.50
N MET B 220 -28.53 -26.69 -7.60
CA MET B 220 -28.78 -25.66 -8.56
C MET B 220 -30.08 -25.91 -9.25
N ARG B 221 -30.41 -27.14 -9.58
CA ARG B 221 -31.62 -27.42 -10.38
C ARG B 221 -32.84 -27.02 -9.56
N ASN B 222 -32.68 -27.13 -8.24
CA ASN B 222 -33.80 -27.01 -7.34
C ASN B 222 -33.64 -25.85 -6.41
N LEU B 223 -32.86 -24.91 -6.87
CA LEU B 223 -32.37 -23.78 -6.04
C LEU B 223 -33.49 -22.97 -5.43
N GLU B 224 -34.55 -22.70 -6.20
CA GLU B 224 -35.74 -21.93 -5.74
C GLU B 224 -36.47 -22.42 -4.46
N GLN B 225 -36.32 -23.69 -4.08
CA GLN B 225 -36.91 -24.20 -2.85
C GLN B 225 -36.30 -23.49 -1.65
N LEU B 226 -35.12 -22.92 -1.82
CA LEU B 226 -34.52 -22.04 -0.79
C LEU B 226 -35.30 -20.84 -0.45
N ASN B 227 -36.06 -20.33 -1.41
CA ASN B 227 -36.88 -19.10 -1.17
C ASN B 227 -38.03 -19.24 -0.20
N VAL B 228 -38.40 -20.44 0.26
CA VAL B 228 -39.55 -20.50 1.14
C VAL B 228 -39.20 -20.09 2.57
N LEU B 229 -37.91 -20.00 2.89
CA LEU B 229 -37.52 -19.70 4.27
C LEU B 229 -37.71 -18.24 4.52
N GLY B 230 -37.79 -17.49 3.42
CA GLY B 230 -38.03 -16.08 3.41
C GLY B 230 -36.85 -15.20 3.70
N TYR B 231 -35.64 -15.71 3.52
CA TYR B 231 -34.41 -14.88 3.63
C TYR B 231 -33.74 -14.75 2.29
N PRO B 232 -32.97 -13.70 2.12
CA PRO B 232 -32.01 -13.48 1.03
C PRO B 232 -31.06 -14.63 0.82
N VAL B 233 -30.87 -15.05 -0.43
CA VAL B 233 -29.90 -16.07 -0.74
C VAL B 233 -28.65 -15.53 -1.46
N LEU B 234 -27.50 -16.08 -1.07
CA LEU B 234 -26.29 -15.83 -1.76
C LEU B 234 -25.83 -17.11 -2.47
N LEU B 235 -25.63 -16.98 -3.76
CA LEU B 235 -25.02 -18.01 -4.52
C LEU B 235 -23.51 -17.93 -4.66
N GLY B 236 -22.84 -19.01 -4.28
CA GLY B 236 -21.41 -19.09 -4.38
C GLY B 236 -20.91 -20.24 -5.23
N THR B 237 -20.77 -20.00 -6.51
CA THR B 237 -20.34 -21.11 -7.37
C THR B 237 -19.14 -20.79 -8.20
N SER B 238 -18.49 -19.67 -7.90
CA SER B 238 -17.33 -19.19 -8.71
C SER B 238 -16.24 -20.22 -8.76
N ARG B 239 -16.08 -20.75 -9.97
CA ARG B 239 -14.97 -21.62 -10.34
C ARG B 239 -14.87 -22.91 -9.58
N LYS B 240 -15.97 -23.35 -8.98
CA LYS B 240 -15.88 -24.54 -8.17
C LYS B 240 -15.70 -25.79 -9.01
N SER B 241 -15.13 -26.78 -8.35
CA SER B 241 -14.72 -27.99 -8.98
C SER B 241 -15.80 -28.60 -9.88
N PHE B 242 -17.06 -28.58 -9.46
CA PHE B 242 -18.07 -29.31 -10.25
C PHE B 242 -18.31 -28.72 -11.61
N ILE B 243 -18.11 -27.38 -11.75
CA ILE B 243 -17.94 -26.82 -13.09
C ILE B 243 -16.85 -27.51 -13.98
N GLY B 244 -15.67 -27.72 -13.41
CA GLY B 244 -14.62 -28.52 -14.07
C GLY B 244 -15.12 -29.91 -14.37
N HIS B 245 -15.85 -30.50 -13.44
CA HIS B 245 -16.35 -31.87 -13.63
C HIS B 245 -17.23 -31.98 -14.86
N VAL B 246 -18.08 -30.99 -15.06
CA VAL B 246 -19.04 -30.97 -16.13
C VAL B 246 -18.39 -30.50 -17.43
N LEU B 247 -17.65 -29.41 -17.36
CA LEU B 247 -17.14 -28.74 -18.55
C LEU B 247 -15.82 -29.29 -18.96
N ASP B 248 -15.26 -30.15 -18.08
CA ASP B 248 -13.88 -30.72 -18.13
C ASP B 248 -12.69 -29.78 -18.33
N LEU B 249 -12.45 -28.90 -17.36
CA LEU B 249 -11.67 -27.69 -17.60
C LEU B 249 -11.08 -27.18 -16.32
N PRO B 250 -9.86 -26.65 -16.37
CA PRO B 250 -9.13 -26.16 -15.19
C PRO B 250 -9.79 -25.02 -14.51
N VAL B 251 -9.46 -24.86 -13.23
CA VAL B 251 -9.84 -23.69 -12.47
C VAL B 251 -9.74 -22.37 -13.23
N GLU B 252 -8.77 -22.21 -14.13
CA GLU B 252 -8.59 -20.85 -14.72
C GLU B 252 -9.45 -20.67 -15.99
N GLU B 253 -10.06 -21.76 -16.41
CA GLU B 253 -11.00 -21.76 -17.51
C GLU B 253 -12.52 -21.68 -17.16
N ARG B 254 -12.92 -21.55 -15.91
CA ARG B 254 -14.36 -21.70 -15.66
C ARG B 254 -15.18 -20.35 -15.65
N LEU B 255 -14.72 -19.32 -16.35
CA LEU B 255 -15.56 -18.20 -16.54
C LEU B 255 -16.93 -18.56 -17.15
N GLU B 256 -16.92 -19.39 -18.19
CA GLU B 256 -18.15 -19.64 -18.92
C GLU B 256 -19.13 -20.43 -18.15
N GLY B 257 -18.66 -21.42 -17.44
CA GLY B 257 -19.53 -22.23 -16.72
C GLY B 257 -19.95 -21.59 -15.45
N THR B 258 -19.19 -20.62 -14.94
CA THR B 258 -19.58 -19.89 -13.75
C THR B 258 -20.75 -19.08 -14.14
N GLY B 259 -20.70 -18.46 -15.31
CA GLY B 259 -21.79 -17.57 -15.77
C GLY B 259 -23.12 -18.30 -15.83
N ALA B 260 -23.13 -19.51 -16.40
CA ALA B 260 -24.29 -20.34 -16.42
C ALA B 260 -24.84 -20.46 -15.01
N THR B 261 -24.02 -20.84 -14.04
CA THR B 261 -24.58 -21.05 -12.69
C THR B 261 -25.12 -19.76 -12.08
N VAL B 262 -24.44 -18.65 -12.32
CA VAL B 262 -24.93 -17.38 -11.89
C VAL B 262 -26.23 -17.00 -12.60
N CYS B 263 -26.42 -17.40 -13.85
CA CYS B 263 -27.65 -17.05 -14.55
C CYS B 263 -28.83 -17.79 -14.01
N LEU B 264 -28.70 -19.11 -13.90
CA LEU B 264 -29.68 -19.89 -13.26
C LEU B 264 -30.01 -19.39 -11.84
N GLY B 265 -29.07 -18.85 -11.07
CA GLY B 265 -29.34 -18.50 -9.70
C GLY B 265 -30.11 -17.19 -9.54
N ILE B 266 -29.82 -16.25 -10.44
CA ILE B 266 -30.61 -15.01 -10.48
C ILE B 266 -32.03 -15.37 -10.96
N GLU B 267 -32.11 -16.42 -11.74
CA GLU B 267 -33.33 -16.68 -12.36
C GLU B 267 -34.19 -17.29 -11.26
N LYS B 268 -33.59 -18.14 -10.45
CA LYS B 268 -34.28 -18.82 -9.38
C LYS B 268 -34.36 -17.97 -8.09
N GLY B 269 -33.90 -16.72 -8.12
CA GLY B 269 -34.25 -15.79 -7.10
C GLY B 269 -33.21 -15.51 -6.06
N CYS B 270 -32.01 -15.24 -6.44
CA CYS B 270 -31.03 -14.98 -5.44
CA CYS B 270 -30.95 -14.97 -5.51
C CYS B 270 -30.76 -13.50 -5.46
N GLU B 271 -30.27 -13.01 -4.34
CA GLU B 271 -30.07 -11.66 -4.22
C GLU B 271 -28.61 -11.16 -4.36
N PHE B 272 -27.67 -12.09 -4.20
CA PHE B 272 -26.27 -11.89 -4.18
C PHE B 272 -25.61 -13.06 -4.88
N VAL B 273 -24.63 -12.77 -5.73
CA VAL B 273 -23.65 -13.81 -6.17
C VAL B 273 -22.22 -13.49 -5.71
N ARG B 274 -21.46 -14.52 -5.35
CA ARG B 274 -20.14 -14.39 -4.87
C ARG B 274 -19.20 -14.85 -5.94
N VAL B 275 -18.34 -13.96 -6.44
CA VAL B 275 -17.59 -14.33 -7.63
C VAL B 275 -16.18 -13.77 -7.76
N HIS B 276 -15.37 -14.47 -8.54
CA HIS B 276 -14.02 -14.04 -8.87
C HIS B 276 -13.96 -13.04 -10.03
N ASP B 277 -14.60 -13.37 -11.13
CA ASP B 277 -14.59 -12.59 -12.36
C ASP B 277 -15.62 -11.44 -12.35
N VAL B 278 -15.37 -10.45 -11.52
CA VAL B 278 -16.29 -9.36 -11.36
C VAL B 278 -16.70 -8.63 -12.65
N LYS B 279 -15.81 -8.37 -13.61
CA LYS B 279 -16.28 -7.79 -14.89
C LYS B 279 -17.35 -8.64 -15.61
N GLU B 280 -17.01 -9.86 -15.99
CA GLU B 280 -17.87 -10.63 -16.86
C GLU B 280 -19.20 -10.87 -16.14
N MET B 281 -19.07 -11.33 -14.92
CA MET B 281 -20.21 -11.63 -14.09
C MET B 281 -21.12 -10.43 -13.81
N SER B 282 -20.60 -9.20 -13.92
CA SER B 282 -21.44 -8.03 -13.59
C SER B 282 -22.35 -7.73 -14.72
N ARG B 283 -21.80 -7.71 -15.91
CA ARG B 283 -22.58 -7.69 -17.14
C ARG B 283 -23.58 -8.84 -17.21
N MET B 284 -23.24 -10.04 -16.78
CA MET B 284 -24.27 -11.08 -16.90
C MET B 284 -25.37 -10.83 -15.93
N ALA B 285 -25.04 -10.38 -14.72
CA ALA B 285 -26.07 -10.09 -13.74
C ALA B 285 -26.94 -8.92 -14.18
N LYS B 286 -26.35 -7.94 -14.83
CA LYS B 286 -27.12 -6.78 -15.22
C LYS B 286 -28.14 -7.24 -16.24
N MET B 287 -27.72 -8.07 -17.15
CA MET B 287 -28.56 -8.49 -18.27
C MET B 287 -29.72 -9.37 -17.80
N MET B 288 -29.46 -10.19 -16.77
CA MET B 288 -30.47 -11.10 -16.21
C MET B 288 -31.54 -10.33 -15.52
N ASP B 289 -31.16 -9.30 -14.82
CA ASP B 289 -32.11 -8.39 -14.21
C ASP B 289 -33.03 -7.81 -15.23
N ALA B 290 -32.53 -7.39 -16.37
CA ALA B 290 -33.45 -6.73 -17.29
C ALA B 290 -34.46 -7.75 -17.72
N MET B 291 -34.03 -9.01 -17.69
CA MET B 291 -34.83 -9.97 -18.31
C MET B 291 -35.91 -10.46 -17.35
N ILE B 292 -35.52 -10.73 -16.11
CA ILE B 292 -36.44 -11.36 -15.17
C ILE B 292 -37.27 -10.23 -14.61
N GLY B 293 -36.89 -9.01 -15.00
CA GLY B 293 -37.67 -7.83 -14.79
C GLY B 293 -37.30 -7.38 -13.40
N LYS B 294 -36.26 -6.58 -13.30
CA LYS B 294 -35.86 -6.05 -11.99
C LYS B 294 -35.19 -4.66 -12.11
#